data_1U9Q
#
_entry.id   1U9Q
#
_cell.length_a   45.720
_cell.length_b   50.675
_cell.length_c   45.576
_cell.angle_alpha   90.00
_cell.angle_beta   116.74
_cell.angle_gamma   90.00
#
_symmetry.space_group_name_H-M   'P 1 21 1'
#
loop_
_entity.id
_entity.type
_entity.pdbx_description
1 polymer cruzipain
2 non-polymer '[1-(1-METHYL-4,5-DIOXO-PENT-2-ENYLCARBAMOYL)-2-PHENYL-ETHYL]-CARBAMIC ACID BENZYL ESTER'
3 water water
#
_entity_poly.entity_id   1
_entity_poly.type   'polypeptide(L)'
_entity_poly.pdbx_seq_one_letter_code
;APAAVDWRARGAVTAVKDQGQCGSCWAFSAIGNVECQWFLAGHPLTNLSEQMLVSCDKTDSGCSGGLMNNAFEWIVQENN
GAVYTEDSYPYASGEGISPPCTTSGHTVGATITGHVELPQDEAQIAAWLAVNGPVAVAVDASSWMTYTGGVMTSCVSEQL
DHGVLLVGYNDSAAVPYWIIKNSWTTQWGEEGYIRIAKGSNQCLVKEEASSAVVG
;
_entity_poly.pdbx_strand_id   X
#
# COMPACT_ATOMS: atom_id res chain seq x y z
N ALA A 1 19.00 13.08 -2.33
CA ALA A 1 17.87 12.47 -3.11
C ALA A 1 17.45 13.32 -4.37
N PRO A 2 16.71 12.77 -5.34
CA PRO A 2 16.11 13.71 -6.33
C PRO A 2 15.08 14.65 -5.68
N ALA A 3 14.80 15.78 -6.31
CA ALA A 3 13.85 16.78 -5.74
C ALA A 3 12.41 16.27 -5.71
N ALA A 4 12.04 15.45 -6.70
CA ALA A 4 10.64 14.95 -6.87
C ALA A 4 10.65 13.60 -7.59
N VAL A 5 9.88 12.66 -7.04
CA VAL A 5 9.67 11.37 -7.62
C VAL A 5 8.16 11.10 -7.63
N ASP A 6 7.66 10.52 -8.73
CA ASP A 6 6.31 10.08 -8.83
C ASP A 6 6.26 8.82 -9.70
N TRP A 7 6.12 7.68 -9.04
CA TRP A 7 6.16 6.40 -9.67
C TRP A 7 4.96 6.16 -10.58
N ARG A 8 3.94 6.99 -10.48
CA ARG A 8 2.84 6.86 -11.45
C ARG A 8 3.29 7.26 -12.85
N ALA A 9 4.24 8.19 -12.96
CA ALA A 9 4.78 8.67 -14.24
C ALA A 9 5.61 7.60 -14.97
N ARG A 10 5.98 6.53 -14.27
CA ARG A 10 6.83 5.48 -14.79
C ARG A 10 6.04 4.26 -15.15
N GLY A 11 4.71 4.34 -14.97
CA GLY A 11 3.84 3.25 -15.35
C GLY A 11 3.83 2.14 -14.34
N ALA A 12 4.25 2.45 -13.11
CA ALA A 12 4.48 1.46 -12.09
C ALA A 12 3.37 1.28 -11.02
N VAL A 13 2.36 2.14 -11.07
CA VAL A 13 1.27 2.07 -10.08
C VAL A 13 -0.05 1.68 -10.79
N THR A 14 -0.73 0.66 -10.27
CA THR A 14 -2.02 0.25 -10.84
C THR A 14 -3.16 1.21 -10.39
N ALA A 15 -4.37 0.96 -10.86
CA ALA A 15 -5.49 1.78 -10.59
C ALA A 15 -5.95 1.77 -9.12
N VAL A 16 -6.60 2.87 -8.69
CA VAL A 16 -7.14 2.95 -7.31
C VAL A 16 -8.23 1.91 -7.16
N LYS A 17 -8.21 1.19 -6.05
CA LYS A 17 -9.14 0.10 -5.85
C LYS A 17 -10.10 0.45 -4.74
N ASP A 18 -10.88 -0.53 -4.30
CA ASP A 18 -11.94 -0.24 -3.35
C ASP A 18 -12.09 -1.35 -2.33
N GLN A 19 -11.63 -1.06 -1.11
CA GLN A 19 -11.75 -1.97 -0.01
C GLN A 19 -13.17 -2.21 0.46
N GLY A 20 -14.06 -1.26 0.20
CA GLY A 20 -15.48 -1.42 0.57
C GLY A 20 -15.63 -1.30 2.08
N GLN A 21 -16.51 -2.10 2.67
CA GLN A 21 -16.68 -2.11 4.13
C GLN A 21 -15.83 -3.15 4.87
N CYS A 22 -14.84 -3.72 4.22
CA CYS A 22 -13.97 -4.62 4.94
C CYS A 22 -12.77 -3.82 5.52
N GLY A 23 -12.34 -4.09 6.75
CA GLY A 23 -11.13 -3.40 7.31
C GLY A 23 -9.84 -4.00 6.71
N SER A 24 -9.78 -4.09 5.39
CA SER A 24 -8.70 -4.77 4.68
C SER A 24 -7.59 -3.80 4.15
N CYS A 25 -7.47 -2.59 4.68
CA CYS A 25 -6.49 -1.62 4.21
C CYS A 25 -5.07 -2.23 4.12
N TRP A 26 -4.70 -2.95 5.17
CA TRP A 26 -3.45 -3.70 5.26
C TRP A 26 -3.15 -4.55 4.00
N ALA A 27 -4.21 -5.15 3.44
CA ALA A 27 -4.12 -6.07 2.33
C ALA A 27 -3.85 -5.25 1.10
N PHE A 28 -4.53 -4.11 1.01
CA PHE A 28 -4.39 -3.15 -0.10
C PHE A 28 -3.04 -2.43 -0.05
N SER A 29 -2.61 -2.05 1.16
CA SER A 29 -1.28 -1.51 1.34
C SER A 29 -0.19 -2.46 0.82
N ALA A 30 -0.20 -3.70 1.32
CA ALA A 30 0.81 -4.68 0.99
C ALA A 30 0.77 -5.13 -0.49
N ILE A 31 -0.44 -5.46 -0.99
CA ILE A 31 -0.54 -5.90 -2.40
C ILE A 31 -0.18 -4.75 -3.37
N GLY A 32 -0.61 -3.52 -3.05
CA GLY A 32 -0.15 -2.38 -3.82
C GLY A 32 1.38 -2.30 -3.88
N ASN A 33 2.05 -2.47 -2.73
CA ASN A 33 3.50 -2.47 -2.75
C ASN A 33 4.05 -3.64 -3.63
N VAL A 34 3.53 -4.84 -3.46
CA VAL A 34 3.95 -5.96 -4.35
C VAL A 34 3.68 -5.69 -5.85
N GLU A 35 2.56 -5.04 -6.20
CA GLU A 35 2.31 -4.79 -7.65
C GLU A 35 3.38 -3.94 -8.17
N CYS A 36 3.79 -2.96 -7.38
CA CYS A 36 4.75 -1.95 -7.86
C CYS A 36 6.14 -2.53 -7.97
N GLN A 37 6.51 -3.27 -6.91
CA GLN A 37 7.83 -3.89 -6.77
C GLN A 37 8.04 -4.92 -7.89
N TRP A 38 7.02 -5.71 -8.18
CA TRP A 38 7.02 -6.63 -9.29
C TRP A 38 7.21 -5.93 -10.62
N PHE A 39 6.45 -4.86 -10.89
CA PHE A 39 6.69 -4.13 -12.12
C PHE A 39 8.18 -3.71 -12.25
N LEU A 40 8.70 -3.03 -11.20
CA LEU A 40 10.08 -2.57 -11.13
C LEU A 40 11.15 -3.70 -11.30
N ALA A 41 10.80 -4.94 -10.94
CA ALA A 41 11.77 -6.03 -11.17
C ALA A 41 11.86 -6.40 -12.67
N GLY A 42 11.02 -5.83 -13.52
CA GLY A 42 11.13 -6.09 -14.92
C GLY A 42 10.01 -6.92 -15.47
N HIS A 43 8.82 -6.83 -14.87
CA HIS A 43 7.66 -7.61 -15.34
C HIS A 43 6.55 -6.65 -15.72
N PRO A 44 5.61 -7.08 -16.59
CA PRO A 44 4.41 -6.24 -16.79
C PRO A 44 3.63 -5.99 -15.50
N LEU A 45 3.06 -4.79 -15.45
CA LEU A 45 2.25 -4.40 -14.37
C LEU A 45 1.04 -5.32 -14.43
N THR A 46 0.84 -6.03 -13.33
CA THR A 46 -0.20 -6.99 -13.17
C THR A 46 -0.98 -6.58 -11.94
N ASN A 47 -2.30 -6.62 -12.02
CA ASN A 47 -3.15 -6.46 -10.81
C ASN A 47 -3.16 -7.75 -10.03
N LEU A 48 -2.94 -7.62 -8.72
CA LEU A 48 -2.77 -8.80 -7.89
C LEU A 48 -3.87 -8.79 -6.83
N SER A 49 -3.96 -9.88 -6.08
CA SER A 49 -5.17 -10.15 -5.32
C SER A 49 -5.05 -9.80 -3.81
N GLU A 50 -5.82 -8.82 -3.38
CA GLU A 50 -6.05 -8.62 -1.96
C GLU A 50 -6.85 -9.79 -1.33
N GLN A 51 -7.84 -10.32 -2.06
CA GLN A 51 -8.68 -11.38 -1.50
C GLN A 51 -7.87 -12.57 -1.02
N MET A 52 -6.76 -12.85 -1.71
CA MET A 52 -5.84 -13.91 -1.30
C MET A 52 -5.45 -13.71 0.17
N LEU A 53 -4.96 -12.50 0.50
CA LEU A 53 -4.55 -12.14 1.85
C LEU A 53 -5.74 -12.12 2.83
N VAL A 54 -6.82 -11.45 2.47
CA VAL A 54 -7.97 -11.28 3.37
C VAL A 54 -8.50 -12.64 3.78
N SER A 55 -8.68 -13.52 2.78
CA SER A 55 -9.26 -14.89 2.96
C SER A 55 -8.29 -15.91 3.56
N CYS A 56 -7.05 -15.91 3.07
CA CYS A 56 -6.09 -17.00 3.33
C CYS A 56 -5.01 -16.68 4.33
N ASP A 57 -4.70 -15.42 4.58
CA ASP A 57 -3.60 -15.06 5.49
C ASP A 57 -4.10 -15.13 6.92
N LYS A 58 -3.92 -16.27 7.55
CA LYS A 58 -4.42 -16.52 8.92
C LYS A 58 -3.56 -15.90 10.03
N THR A 59 -2.49 -15.23 9.63
CA THR A 59 -1.61 -14.54 10.61
C THR A 59 -2.05 -13.09 10.73
N ASP A 60 -3.07 -12.77 9.95
CA ASP A 60 -3.76 -11.46 10.01
C ASP A 60 -5.26 -11.70 10.25
N SER A 61 -6.06 -10.64 10.41
CA SER A 61 -7.42 -10.80 10.94
C SER A 61 -8.55 -10.46 9.96
N GLY A 62 -8.28 -10.62 8.65
CA GLY A 62 -9.33 -10.45 7.65
C GLY A 62 -9.83 -9.01 7.56
N CYS A 63 -11.14 -8.83 7.71
CA CYS A 63 -11.79 -7.52 7.70
C CYS A 63 -11.71 -6.82 9.00
N SER A 64 -11.08 -7.42 9.98
CA SER A 64 -10.87 -6.75 11.26
C SER A 64 -9.56 -6.02 11.35
N GLY A 65 -8.58 -6.44 10.56
CA GLY A 65 -7.29 -5.77 10.55
C GLY A 65 -6.15 -6.70 10.24
N GLY A 66 -4.93 -6.14 10.27
CA GLY A 66 -3.75 -6.86 9.87
C GLY A 66 -2.57 -5.93 9.72
N LEU A 67 -1.38 -6.52 9.64
CA LEU A 67 -0.15 -5.77 9.48
C LEU A 67 0.47 -6.08 8.12
N MET A 68 0.85 -5.05 7.39
CA MET A 68 1.57 -5.25 6.12
C MET A 68 2.74 -6.18 6.27
N ASN A 69 3.54 -6.01 7.35
CA ASN A 69 4.66 -6.92 7.64
C ASN A 69 4.31 -8.43 7.79
N ASN A 70 3.24 -8.76 8.51
CA ASN A 70 2.75 -10.14 8.60
C ASN A 70 2.28 -10.61 7.19
N ALA A 71 1.63 -9.72 6.43
CA ALA A 71 1.19 -10.12 5.11
C ALA A 71 2.44 -10.53 4.25
N PHE A 72 3.47 -9.68 4.27
CA PHE A 72 4.70 -10.01 3.54
C PHE A 72 5.24 -11.40 3.89
N GLU A 73 5.41 -11.66 5.19
CA GLU A 73 5.93 -12.92 5.70
C GLU A 73 4.99 -14.09 5.41
N TRP A 74 3.69 -13.91 5.56
CA TRP A 74 2.76 -14.99 5.25
C TRP A 74 2.90 -15.40 3.76
N ILE A 75 2.83 -14.46 2.84
CA ILE A 75 3.26 -14.76 1.47
C ILE A 75 4.54 -15.64 1.30
N VAL A 76 5.65 -15.26 1.90
CA VAL A 76 6.91 -15.95 1.74
C VAL A 76 6.85 -17.32 2.49
N GLN A 77 6.35 -17.30 3.72
CA GLN A 77 6.48 -18.42 4.59
C GLN A 77 5.46 -19.48 4.34
N GLU A 78 4.25 -19.06 4.01
CA GLU A 78 3.12 -19.97 3.93
C GLU A 78 2.54 -20.17 2.55
N ASN A 79 2.81 -19.26 1.62
CA ASN A 79 2.25 -19.42 0.28
C ASN A 79 3.34 -19.55 -0.78
N ASN A 80 4.51 -20.02 -0.39
CA ASN A 80 5.60 -20.30 -1.33
C ASN A 80 5.98 -19.09 -2.16
N GLY A 81 5.87 -17.91 -1.55
CA GLY A 81 6.17 -16.62 -2.21
C GLY A 81 5.15 -16.12 -3.23
N ALA A 82 4.08 -16.90 -3.49
CA ALA A 82 3.17 -16.69 -4.63
C ALA A 82 2.18 -15.62 -4.29
N VAL A 83 1.92 -14.72 -5.26
CA VAL A 83 0.81 -13.79 -5.16
C VAL A 83 -0.09 -13.97 -6.37
N TYR A 84 -1.37 -14.26 -6.15
CA TYR A 84 -2.35 -14.49 -7.24
C TYR A 84 -2.77 -13.22 -8.01
N THR A 85 -3.03 -13.37 -9.31
CA THR A 85 -3.64 -12.32 -10.10
C THR A 85 -4.98 -11.90 -9.45
N GLU A 86 -5.34 -10.63 -9.58
CA GLU A 86 -6.64 -10.17 -9.16
C GLU A 86 -7.75 -10.89 -9.97
N ASP A 87 -7.50 -11.11 -11.26
CA ASP A 87 -8.39 -11.92 -12.15
C ASP A 87 -8.77 -13.27 -11.63
N SER A 88 -7.77 -14.04 -11.24
CA SER A 88 -7.96 -15.42 -10.76
C SER A 88 -8.48 -15.47 -9.33
N TYR A 89 -8.47 -14.36 -8.61
CA TYR A 89 -8.89 -14.36 -7.21
C TYR A 89 -9.48 -12.98 -6.90
N PRO A 90 -10.62 -12.60 -7.54
CA PRO A 90 -11.26 -11.30 -7.37
C PRO A 90 -11.70 -10.97 -5.93
N TYR A 91 -11.70 -9.68 -5.64
CA TYR A 91 -12.12 -9.15 -4.37
C TYR A 91 -13.62 -9.46 -4.15
N ALA A 92 -13.97 -10.01 -2.99
CA ALA A 92 -15.33 -10.40 -2.74
C ALA A 92 -15.71 -10.05 -1.33
N SER A 93 -15.08 -9.02 -0.75
CA SER A 93 -15.27 -8.64 0.67
C SER A 93 -15.79 -7.24 0.83
N GLY A 94 -16.19 -6.58 -0.26
CA GLY A 94 -16.79 -5.26 -0.15
C GLY A 94 -17.84 -5.08 0.95
N GLU A 95 -18.53 -6.16 1.33
CA GLU A 95 -19.61 -6.13 2.35
C GLU A 95 -19.14 -6.25 3.75
N GLY A 96 -17.86 -6.47 3.97
CA GLY A 96 -17.34 -6.58 5.34
C GLY A 96 -17.28 -8.03 5.80
N ILE A 97 -17.67 -8.93 4.89
CA ILE A 97 -17.52 -10.36 5.12
C ILE A 97 -16.65 -10.96 4.01
N SER A 98 -15.59 -11.62 4.44
CA SER A 98 -14.65 -12.34 3.55
C SER A 98 -15.08 -13.79 3.44
N PRO A 99 -15.13 -14.32 2.22
CA PRO A 99 -15.37 -15.76 2.15
C PRO A 99 -14.15 -16.60 2.59
N PRO A 100 -14.37 -17.92 2.85
CA PRO A 100 -13.31 -18.89 3.10
C PRO A 100 -12.25 -18.94 2.00
N CYS A 101 -11.06 -19.31 2.41
CA CYS A 101 -9.94 -19.36 1.53
C CYS A 101 -10.04 -20.53 0.52
N THR A 102 -9.74 -20.27 -0.74
CA THR A 102 -9.67 -21.38 -1.69
C THR A 102 -8.23 -21.57 -2.17
N THR A 103 -7.76 -22.82 -2.11
CA THR A 103 -6.37 -23.19 -2.37
C THR A 103 -6.19 -23.72 -3.81
N SER A 104 -7.22 -23.49 -4.64
CA SER A 104 -7.03 -23.87 -6.01
C SER A 104 -7.89 -23.01 -6.90
N GLY A 105 -7.58 -23.07 -8.20
CA GLY A 105 -8.26 -22.27 -9.18
C GLY A 105 -7.58 -20.94 -9.46
N HIS A 106 -6.47 -20.63 -8.79
CA HIS A 106 -5.83 -19.32 -8.96
C HIS A 106 -4.59 -19.40 -9.84
N THR A 107 -4.14 -18.24 -10.32
CA THR A 107 -2.94 -18.15 -11.10
C THR A 107 -2.02 -17.15 -10.49
N VAL A 108 -0.75 -17.53 -10.37
CA VAL A 108 0.31 -16.74 -9.82
C VAL A 108 0.62 -15.59 -10.77
N GLY A 109 0.68 -14.36 -10.23
CA GLY A 109 0.95 -13.19 -11.06
C GLY A 109 2.10 -12.37 -10.59
N ALA A 110 3.01 -12.92 -9.38
CA ALA A 110 4.19 -12.27 -8.90
C ALA A 110 4.68 -13.21 -7.83
N THR A 111 5.97 -13.13 -7.52
CA THR A 111 6.46 -13.82 -6.36
C THR A 111 7.34 -12.86 -5.63
N ILE A 112 7.51 -13.09 -4.35
CA ILE A 112 8.46 -12.26 -3.56
C ILE A 112 9.31 -13.20 -2.68
N THR A 113 10.44 -12.69 -2.22
CA THR A 113 11.40 -13.44 -1.40
C THR A 113 11.53 -12.89 0.05
N GLY A 114 11.00 -11.70 0.30
CA GLY A 114 11.00 -11.18 1.65
C GLY A 114 10.51 -9.75 1.73
N HIS A 115 10.95 -9.01 2.75
CA HIS A 115 10.53 -7.63 2.96
C HIS A 115 11.56 -6.90 3.84
N VAL A 116 11.66 -5.58 3.69
CA VAL A 116 12.50 -4.75 4.53
C VAL A 116 11.62 -3.76 5.27
N GLU A 117 12.05 -3.38 6.47
CA GLU A 117 11.35 -2.36 7.22
C GLU A 117 12.25 -1.17 7.21
N LEU A 118 11.70 -0.01 6.87
CA LEU A 118 12.51 1.16 6.67
C LEU A 118 12.63 2.01 7.92
N PRO A 119 13.65 2.89 7.98
CA PRO A 119 13.80 3.67 9.21
C PRO A 119 12.61 4.62 9.43
N GLN A 120 12.47 5.08 10.69
CA GLN A 120 11.43 5.99 11.09
C GLN A 120 11.92 7.40 10.90
N ASP A 121 12.08 7.80 9.64
CA ASP A 121 12.69 9.10 9.31
C ASP A 121 12.34 9.40 7.87
N GLU A 122 11.58 10.48 7.66
CA GLU A 122 10.99 10.80 6.38
C GLU A 122 12.02 11.04 5.29
N ALA A 123 13.14 11.68 5.65
CA ALA A 123 14.21 11.89 4.69
C ALA A 123 14.72 10.54 4.18
N GLN A 124 14.83 9.55 5.08
CA GLN A 124 15.42 8.29 4.72
C GLN A 124 14.44 7.38 3.97
N ILE A 125 13.16 7.44 4.32
CA ILE A 125 12.15 6.78 3.50
C ILE A 125 12.13 7.28 2.06
N ALA A 126 12.29 8.57 1.89
CA ALA A 126 12.20 9.23 0.62
C ALA A 126 13.41 8.77 -0.23
N ALA A 127 14.59 8.79 0.39
CA ALA A 127 15.80 8.25 -0.27
C ALA A 127 15.57 6.83 -0.85
N TRP A 128 14.98 5.96 -0.01
CA TRP A 128 14.79 4.57 -0.37
C TRP A 128 13.78 4.49 -1.52
N LEU A 129 12.68 5.23 -1.37
CA LEU A 129 11.60 5.29 -2.37
C LEU A 129 12.04 5.83 -3.77
N ALA A 130 12.94 6.81 -3.72
CA ALA A 130 13.50 7.43 -4.89
C ALA A 130 14.09 6.39 -5.80
N VAL A 131 14.63 5.33 -5.21
CA VAL A 131 15.47 4.36 -5.90
C VAL A 131 14.75 3.02 -6.05
N ASN A 132 14.06 2.55 -5.00
CA ASN A 132 13.56 1.18 -4.93
C ASN A 132 12.08 1.02 -5.19
N GLY A 133 11.36 2.13 -5.14
CA GLY A 133 9.96 2.15 -5.50
C GLY A 133 9.03 2.44 -4.33
N PRO A 134 7.72 2.36 -4.57
CA PRO A 134 6.70 2.69 -3.60
C PRO A 134 6.76 1.79 -2.39
N VAL A 135 6.31 2.35 -1.27
CA VAL A 135 6.49 1.80 0.05
C VAL A 135 5.14 1.72 0.73
N ALA A 136 4.91 0.62 1.45
CA ALA A 136 3.71 0.49 2.28
C ALA A 136 3.98 1.25 3.54
N VAL A 137 3.05 2.10 3.96
CA VAL A 137 3.13 2.85 5.22
C VAL A 137 1.81 2.70 6.00
N ALA A 138 1.90 2.89 7.31
CA ALA A 138 0.72 2.97 8.16
C ALA A 138 0.51 4.46 8.45
N VAL A 139 -0.73 4.88 8.67
CA VAL A 139 -0.97 6.29 8.96
C VAL A 139 -2.05 6.41 10.02
N ASP A 140 -2.13 7.57 10.65
CA ASP A 140 -3.36 7.96 11.36
C ASP A 140 -4.31 8.59 10.32
N ALA A 141 -5.34 7.86 9.90
CA ALA A 141 -6.26 8.34 8.88
C ALA A 141 -7.45 9.04 9.50
N SER A 142 -7.81 9.20 11.12
CA SER A 142 -8.74 10.10 11.77
C SER A 142 -9.14 11.31 10.91
N SER A 143 -8.19 12.06 10.36
CA SER A 143 -8.51 13.29 9.63
C SER A 143 -9.15 13.04 8.26
N TRP A 144 -8.96 11.84 7.71
CA TRP A 144 -8.99 11.71 6.27
C TRP A 144 -10.34 11.62 5.57
N MET A 145 -11.42 11.43 6.32
CA MET A 145 -12.78 11.47 5.76
C MET A 145 -13.26 12.86 5.41
N THR A 146 -12.72 13.87 6.06
CA THR A 146 -12.95 15.26 5.59
C THR A 146 -12.07 15.73 4.38
N TYR A 147 -11.15 14.90 3.88
CA TYR A 147 -10.19 15.36 2.87
C TYR A 147 -10.81 15.35 1.50
N THR A 148 -10.70 16.52 0.83
CA THR A 148 -11.20 16.75 -0.51
C THR A 148 -10.12 17.12 -1.57
N GLY A 149 -8.90 17.47 -1.18
CA GLY A 149 -7.91 17.83 -2.18
C GLY A 149 -6.86 18.76 -1.64
N GLY A 150 -5.83 19.00 -2.44
CA GLY A 150 -4.75 19.79 -1.94
C GLY A 150 -3.81 19.09 -0.96
N VAL A 151 -2.90 19.87 -0.42
CA VAL A 151 -1.86 19.29 0.40
C VAL A 151 -2.34 19.38 1.83
N MET A 152 -2.65 18.68 2.62
CA MET A 152 -3.17 18.65 3.95
C MET A 152 -2.05 19.22 4.86
N THR A 153 -1.82 20.07 5.98
CA THR A 153 -0.65 20.72 6.53
C THR A 153 -0.80 20.53 8.01
N SER A 154 -1.96 19.97 8.36
CA SER A 154 -2.29 19.69 9.73
C SER A 154 -3.08 18.41 9.64
N CYS A 155 -2.53 17.34 10.22
CA CYS A 155 -3.11 16.02 10.17
C CYS A 155 -3.10 15.48 11.61
N VAL A 156 -4.24 14.96 12.08
CA VAL A 156 -4.34 14.36 13.42
C VAL A 156 -3.38 13.17 13.46
N SER A 157 -2.40 13.27 14.35
CA SER A 157 -1.24 12.36 14.39
C SER A 157 -1.13 11.68 15.73
N GLU A 158 -1.98 10.73 16.01
CA GLU A 158 -2.07 10.19 17.35
C GLU A 158 -1.98 8.67 17.35
N GLN A 159 -2.68 8.01 16.44
CA GLN A 159 -2.63 6.55 16.40
C GLN A 159 -2.78 5.96 15.00
N LEU A 160 -1.86 5.07 14.67
CA LEU A 160 -1.83 4.38 13.41
C LEU A 160 -3.06 3.52 13.29
N ASP A 161 -3.77 3.57 12.17
CA ASP A 161 -5.00 2.77 12.09
C ASP A 161 -5.35 2.40 10.68
N HIS A 162 -4.43 2.69 9.76
CA HIS A 162 -4.75 2.50 8.37
C HIS A 162 -3.45 2.26 7.61
N GLY A 163 -3.54 1.36 6.62
CA GLY A 163 -2.45 1.06 5.75
C GLY A 163 -2.69 1.60 4.35
N VAL A 164 -1.68 2.29 3.83
CA VAL A 164 -1.75 2.92 2.49
C VAL A 164 -0.42 2.70 1.76
N LEU A 165 -0.27 3.32 0.58
CA LEU A 165 0.89 3.12 -0.30
C LEU A 165 1.50 4.48 -0.68
N LEU A 166 2.78 4.68 -0.34
CA LEU A 166 3.49 5.90 -0.61
C LEU A 166 4.07 5.71 -2.03
N VAL A 167 3.72 6.60 -2.96
CA VAL A 167 4.09 6.50 -4.37
C VAL A 167 5.00 7.61 -4.96
N GLY A 168 5.17 8.72 -4.25
CA GLY A 168 6.08 9.77 -4.65
C GLY A 168 6.15 10.87 -3.59
N TYR A 169 6.89 11.91 -3.89
CA TYR A 169 6.99 13.06 -3.02
C TYR A 169 7.47 14.22 -3.89
N ASN A 170 7.24 15.45 -3.46
CA ASN A 170 7.79 16.57 -4.20
C ASN A 170 8.41 17.58 -3.22
N ASP A 171 9.73 17.67 -3.18
CA ASP A 171 10.41 18.58 -2.18
C ASP A 171 10.57 20.01 -2.71
N SER A 172 10.26 20.21 -3.99
CA SER A 172 10.49 21.51 -4.59
C SER A 172 9.25 22.44 -4.52
N ALA A 173 8.09 21.87 -4.15
CA ALA A 173 6.85 22.61 -3.98
C ALA A 173 6.90 23.57 -2.77
N ALA A 174 6.05 24.59 -2.78
CA ALA A 174 5.90 25.51 -1.66
C ALA A 174 5.81 24.81 -0.32
N VAL A 175 4.98 23.76 -0.27
CA VAL A 175 4.96 22.85 0.89
C VAL A 175 5.29 21.43 0.38
N PRO A 176 6.49 20.92 0.74
CA PRO A 176 6.85 19.57 0.34
C PRO A 176 5.74 18.58 0.65
N TYR A 177 5.48 17.63 -0.24
CA TYR A 177 4.47 16.69 0.09
C TYR A 177 4.84 15.27 -0.28
N TRP A 178 4.13 14.34 0.37
CA TRP A 178 4.08 12.95 -0.04
C TRP A 178 2.82 12.70 -0.93
N ILE A 179 2.91 11.71 -1.81
CA ILE A 179 1.79 11.33 -2.66
C ILE A 179 1.48 9.96 -2.23
N ILE A 180 0.22 9.76 -1.90
CA ILE A 180 -0.22 8.54 -1.26
C ILE A 180 -1.45 7.97 -1.98
N LYS A 181 -1.34 6.69 -2.31
CA LYS A 181 -2.42 5.97 -2.93
C LYS A 181 -3.33 5.35 -1.82
N ASN A 182 -4.61 5.73 -1.85
CA ASN A 182 -5.53 5.21 -0.85
C ASN A 182 -6.37 4.15 -1.53
N SER A 183 -7.21 3.46 -0.76
CA SER A 183 -8.03 2.36 -1.27
C SER A 183 -9.57 2.54 -1.00
N TRP A 184 -10.04 3.78 -1.19
CA TRP A 184 -11.45 4.20 -0.93
C TRP A 184 -12.07 4.69 -2.21
N THR A 185 -11.72 4.07 -3.35
CA THR A 185 -12.20 4.49 -4.70
C THR A 185 -11.62 5.81 -5.20
N THR A 186 -11.91 6.12 -6.47
CA THR A 186 -11.43 7.34 -7.12
C THR A 186 -12.34 8.51 -6.78
N GLN A 187 -13.49 8.21 -6.17
CA GLN A 187 -14.44 9.23 -5.68
C GLN A 187 -13.86 10.07 -4.55
N TRP A 188 -12.91 9.51 -3.83
CA TRP A 188 -12.33 10.20 -2.68
C TRP A 188 -11.00 10.91 -3.01
N GLY A 189 -10.83 12.13 -2.47
CA GLY A 189 -9.59 12.87 -2.47
C GLY A 189 -9.21 13.23 -3.88
N GLU A 190 -7.91 13.21 -4.21
CA GLU A 190 -7.50 13.55 -5.57
C GLU A 190 -7.52 12.34 -6.48
N GLU A 191 -8.73 11.94 -6.84
CA GLU A 191 -8.88 10.82 -7.74
C GLU A 191 -8.41 9.50 -7.08
N GLY A 192 -8.75 9.38 -5.81
CA GLY A 192 -8.28 8.30 -4.96
C GLY A 192 -6.92 8.50 -4.27
N TYR A 193 -6.23 9.62 -4.50
CA TYR A 193 -4.96 9.95 -3.82
C TYR A 193 -5.05 11.01 -2.74
N ILE A 194 -4.04 11.07 -1.86
CA ILE A 194 -3.94 12.20 -0.91
C ILE A 194 -2.53 12.68 -0.90
N ARG A 195 -2.38 13.99 -0.66
CA ARG A 195 -1.07 14.58 -0.50
C ARG A 195 -0.97 15.20 0.87
N ILE A 196 0.11 14.89 1.59
CA ILE A 196 0.26 15.30 2.99
C ILE A 196 1.60 15.90 3.09
N ALA A 197 1.77 16.90 3.95
CA ALA A 197 3.04 17.62 4.06
C ALA A 197 4.10 16.67 4.55
N LYS A 198 5.26 16.77 3.89
CA LYS A 198 6.49 16.02 4.17
C LYS A 198 7.46 16.80 5.10
N GLY A 199 8.01 16.13 6.11
CA GLY A 199 9.02 16.77 7.00
C GLY A 199 8.64 16.99 8.49
N SER A 200 7.17 16.54 8.88
CA SER A 200 6.71 17.05 10.15
C SER A 200 5.96 15.92 10.85
N ASN A 201 6.16 14.60 10.07
CA ASN A 201 5.53 13.37 10.47
C ASN A 201 4.02 13.50 10.42
N GLN A 202 3.51 14.06 9.34
CA GLN A 202 2.06 14.25 9.21
C GLN A 202 1.45 12.88 9.23
N CYS A 203 0.48 12.65 10.13
CA CYS A 203 -0.33 11.43 10.15
C CYS A 203 0.47 10.22 10.58
N LEU A 204 1.62 10.49 11.19
CA LEU A 204 2.59 9.48 11.67
C LEU A 204 3.19 8.60 10.57
N VAL A 205 3.35 9.20 9.37
CA VAL A 205 3.77 8.53 8.12
C VAL A 205 5.14 7.85 8.20
N LYS A 206 6.05 8.39 9.03
CA LYS A 206 7.40 7.82 9.20
C LYS A 206 7.45 6.53 10.04
N GLU A 207 6.37 6.21 10.75
CA GLU A 207 6.41 5.22 11.83
C GLU A 207 6.50 3.78 11.44
N GLU A 208 5.82 3.35 10.36
CA GLU A 208 5.76 1.90 10.00
C GLU A 208 5.84 1.71 8.52
N ALA A 209 7.01 1.98 7.95
CA ALA A 209 7.17 2.00 6.52
C ALA A 209 7.86 0.71 6.10
N SER A 210 7.41 0.07 5.04
CA SER A 210 8.18 -1.10 4.62
C SER A 210 7.90 -1.57 3.15
N SER A 211 8.67 -2.51 2.67
CA SER A 211 8.44 -2.96 1.32
C SER A 211 8.75 -4.43 1.16
N ALA A 212 7.99 -5.13 0.28
CA ALA A 212 8.37 -6.45 -0.26
C ALA A 212 9.67 -6.35 -1.10
N VAL A 213 10.32 -7.49 -1.27
CA VAL A 213 11.50 -7.55 -2.08
C VAL A 213 11.19 -8.65 -3.05
N VAL A 214 11.33 -8.42 -4.35
CA VAL A 214 11.09 -9.49 -5.28
C VAL A 214 12.38 -10.20 -5.71
N GLY A 215 12.28 -11.51 -5.99
CA GLY A 215 13.44 -12.31 -6.45
C GLY A 215 14.54 -11.43 -7.04
#